data_8YFJ
#
_entry.id   8YFJ
#
_cell.length_a   67.496
_cell.length_b   67.496
_cell.length_c   198.082
_cell.angle_alpha   90.00
_cell.angle_beta   90.00
_cell.angle_gamma   120.00
#
_symmetry.space_group_name_H-M   'P 61 2 2'
#
loop_
_entity.id
_entity.type
_entity.pdbx_description
1 polymer 'Activating signal cointegrator 1'
2 polymer "DNA (5'-D(*AP*TP*TP*GP*GP*AP*TP*CP*CP*AP*AP*T)-3')"
3 water water
#
loop_
_entity_poly.entity_id
_entity_poly.type
_entity_poly.pdbx_seq_one_letter_code
_entity_poly.pdbx_strand_id
1 'polypeptide(L)'
;SWCLSVHQPWASLLVRGIKRVEGRSWYTPHRGRLWIAATAKKPSPQEVSELQATYRLLRGKDVEFPNDYPSGCLLGCVDL
IDCLSQKQFKEQFPDISQESDSPFVFICKNPQEMVVKFPIKGNPKIWKLDSKIHQGAKKGLMKQNKAV
;
A
2 'polydeoxyribonucleotide' (DA)(DT)(DT)(DG)(DG)(DA)(DT)(DC)(DC)(DA)(DA)(DT) B
#
# COMPACT_ATOMS: atom_id res chain seq x y z
N SER A 1 -3.44 -15.82 -5.46
CA SER A 1 -3.19 -14.39 -5.36
C SER A 1 -2.68 -14.05 -3.96
N TRP A 2 -1.82 -13.05 -3.89
CA TRP A 2 -1.07 -12.75 -2.69
C TRP A 2 -1.41 -11.35 -2.21
N CYS A 3 -1.33 -11.17 -0.89
CA CYS A 3 -1.78 -9.94 -0.25
C CYS A 3 -0.77 -9.51 0.81
N LEU A 4 -0.70 -8.21 1.05
CA LEU A 4 0.12 -7.63 2.11
C LEU A 4 -0.79 -6.77 2.98
N SER A 5 -0.72 -6.93 4.30
CA SER A 5 -1.44 -6.07 5.23
C SER A 5 -0.59 -4.85 5.58
N VAL A 6 -1.22 -3.68 5.57
CA VAL A 6 -0.55 -2.40 5.79
C VAL A 6 -1.45 -1.58 6.72
N HIS A 7 -0.84 -0.92 7.70
CA HIS A 7 -1.58 -0.01 8.56
C HIS A 7 -2.14 1.17 7.77
N GLN A 8 -3.37 1.58 8.10
CA GLN A 8 -3.87 2.89 7.67
C GLN A 8 -3.17 4.00 8.44
N PRO A 9 -3.01 5.19 7.84
CA PRO A 9 -3.53 5.63 6.55
C PRO A 9 -2.64 5.24 5.39
N TRP A 10 -1.47 4.65 5.67
CA TRP A 10 -0.52 4.32 4.61
C TRP A 10 -1.13 3.36 3.60
N ALA A 11 -1.98 2.43 4.07
CA ALA A 11 -2.55 1.42 3.18
C ALA A 11 -3.35 2.07 2.03
N SER A 12 -4.24 3.00 2.35
CA SER A 12 -4.99 3.67 1.31
C SER A 12 -4.12 4.61 0.47
N LEU A 13 -3.07 5.18 1.05
CA LEU A 13 -2.18 6.02 0.23
C LEU A 13 -1.46 5.18 -0.81
N LEU A 14 -1.20 3.91 -0.51
CA LEU A 14 -0.54 3.03 -1.48
C LEU A 14 -1.47 2.69 -2.64
N VAL A 15 -2.74 2.38 -2.37
CA VAL A 15 -3.62 2.02 -3.48
C VAL A 15 -4.09 3.22 -4.28
N ARG A 16 -3.92 4.43 -3.74
CA ARG A 16 -4.16 5.66 -4.48
C ARG A 16 -2.93 6.13 -5.26
N GLY A 17 -1.75 5.59 -4.97
CA GLY A 17 -0.55 6.03 -5.63
C GLY A 17 0.16 7.19 -4.98
N ILE A 18 -0.39 7.73 -3.88
CA ILE A 18 0.25 8.85 -3.19
C ILE A 18 1.54 8.39 -2.51
N LYS A 19 1.49 7.28 -1.80
CA LYS A 19 2.67 6.61 -1.28
C LYS A 19 3.15 5.62 -2.34
N ARG A 20 4.42 5.70 -2.71
CA ARG A 20 4.92 4.94 -3.85
C ARG A 20 5.75 3.73 -3.49
N VAL A 21 6.21 3.63 -2.25
CA VAL A 21 7.00 2.49 -1.79
C VAL A 21 6.48 2.06 -0.43
N GLU A 22 6.79 0.81 -0.08
CA GLU A 22 6.48 0.26 1.23
C GLU A 22 7.73 -0.42 1.79
N GLY A 23 8.14 -0.01 2.98
CA GLY A 23 9.35 -0.54 3.61
C GLY A 23 9.04 -1.67 4.59
N ARG A 24 9.90 -2.69 4.60
CA ARG A 24 9.79 -3.82 5.51
C ARG A 24 11.17 -4.28 5.95
N SER A 25 11.21 -5.10 7.00
CA SER A 25 12.47 -5.66 7.48
C SER A 25 12.86 -6.95 6.76
N TRP A 26 12.06 -7.42 5.80
CA TRP A 26 12.28 -8.70 5.16
C TRP A 26 12.16 -8.57 3.64
N TYR A 27 12.69 -9.56 2.93
CA TYR A 27 12.69 -9.60 1.48
C TYR A 27 11.60 -10.53 0.96
N THR A 28 11.06 -10.22 -0.21
CA THR A 28 10.23 -11.18 -0.92
C THR A 28 10.65 -11.29 -2.37
N PRO A 29 10.69 -12.50 -2.93
CA PRO A 29 10.90 -12.66 -4.36
C PRO A 29 9.65 -12.44 -5.18
N HIS A 30 8.50 -12.21 -4.52
CA HIS A 30 7.26 -11.98 -5.23
C HIS A 30 7.40 -10.77 -6.15
N ARG A 31 6.91 -10.92 -7.37
CA ARG A 31 6.79 -9.81 -8.30
C ARG A 31 5.41 -9.86 -8.93
N GLY A 32 4.94 -8.73 -9.41
CA GLY A 32 3.64 -8.65 -10.03
C GLY A 32 2.58 -8.17 -9.07
N ARG A 33 1.35 -8.56 -9.36
CA ARG A 33 0.22 -8.03 -8.60
C ARG A 33 0.32 -8.44 -7.13
N LEU A 34 0.12 -7.47 -6.25
CA LEU A 34 0.12 -7.68 -4.81
C LEU A 34 -1.11 -6.96 -4.26
N TRP A 35 -2.05 -7.71 -3.70
CA TRP A 35 -3.20 -7.07 -3.10
C TRP A 35 -2.79 -6.39 -1.80
N ILE A 36 -3.51 -5.33 -1.45
CA ILE A 36 -3.23 -4.53 -0.26
C ILE A 36 -4.48 -4.56 0.62
N ALA A 37 -4.31 -5.04 1.86
CA ALA A 37 -5.34 -5.04 2.89
C ALA A 37 -4.94 -4.10 4.01
N ALA A 38 -5.91 -3.36 4.54
CA ALA A 38 -5.65 -2.57 5.73
C ALA A 38 -5.70 -3.47 6.97
N THR A 39 -4.73 -3.30 7.87
CA THR A 39 -4.83 -3.99 9.15
C THR A 39 -6.02 -3.47 9.93
N ALA A 40 -6.27 -4.08 11.09
CA ALA A 40 -7.37 -3.67 11.95
C ALA A 40 -7.03 -2.44 12.79
N LYS A 41 -5.80 -1.97 12.77
CA LYS A 41 -5.37 -0.88 13.64
C LYS A 41 -5.89 0.45 13.10
N LYS A 42 -6.75 1.14 13.90
CA LYS A 42 -7.35 2.39 13.42
C LYS A 42 -6.44 3.56 13.73
N PRO A 43 -6.16 4.43 12.77
CA PRO A 43 -5.30 5.58 13.06
C PRO A 43 -6.08 6.73 13.67
N SER A 44 -5.40 7.49 14.53
CA SER A 44 -6.01 8.67 15.13
C SER A 44 -6.23 9.74 14.06
N PRO A 45 -7.27 10.55 14.21
CA PRO A 45 -7.54 11.59 13.20
C PRO A 45 -6.43 12.61 13.06
N GLN A 46 -5.59 12.80 14.09
CA GLN A 46 -4.45 13.69 13.97
C GLN A 46 -3.31 13.01 13.24
N GLU A 47 -3.12 11.71 13.48
CA GLU A 47 -2.15 10.94 12.70
C GLU A 47 -2.46 11.02 11.22
N VAL A 48 -3.74 10.95 10.86
CA VAL A 48 -4.15 11.13 9.47
C VAL A 48 -3.83 12.53 8.99
N SER A 49 -4.14 13.55 9.80
CA SER A 49 -3.92 14.93 9.38
C SER A 49 -2.42 15.24 9.23
N GLU A 50 -1.59 14.74 10.14
CA GLU A 50 -0.16 14.99 10.03
C GLU A 50 0.43 14.30 8.80
N LEU A 51 0.03 13.05 8.55
CA LEU A 51 0.51 12.36 7.36
C LEU A 51 0.03 13.06 6.09
N GLN A 52 -1.23 13.50 6.06
CA GLN A 52 -1.73 14.22 4.90
C GLN A 52 -0.94 15.50 4.66
N ALA A 53 -0.61 16.23 5.74
CA ALA A 53 0.19 17.44 5.60
C ALA A 53 1.56 17.14 5.01
N THR A 54 2.19 16.05 5.47
CA THR A 54 3.50 15.67 4.95
C THR A 54 3.45 15.35 3.47
N TYR A 55 2.43 14.59 3.05
CA TYR A 55 2.38 14.17 1.65
C TYR A 55 1.99 15.32 0.72
N ARG A 56 1.24 16.31 1.21
CA ARG A 56 1.07 17.53 0.43
C ARG A 56 2.40 18.18 0.13
N LEU A 57 3.30 18.23 1.13
CA LEU A 57 4.61 18.83 0.90
C LEU A 57 5.44 18.00 -0.07
N LEU A 58 5.32 16.67 0.01
CA LEU A 58 6.10 15.81 -0.88
C LEU A 58 5.55 15.76 -2.30
N ARG A 59 4.24 15.88 -2.48
CA ARG A 59 3.59 15.66 -3.77
C ARG A 59 2.99 16.90 -4.42
N GLY A 60 2.48 17.86 -3.63
CA GLY A 60 1.83 19.03 -4.18
C GLY A 60 0.62 19.42 -3.35
N LYS A 61 0.37 20.73 -3.21
CA LYS A 61 -0.62 21.20 -2.26
C LYS A 61 -2.03 20.72 -2.57
N ASP A 62 -2.28 20.22 -3.78
CA ASP A 62 -3.62 19.85 -4.22
C ASP A 62 -3.77 18.34 -4.42
N VAL A 63 -3.00 17.51 -3.71
CA VAL A 63 -3.19 16.07 -3.80
C VAL A 63 -4.54 15.69 -3.24
N GLU A 64 -5.21 14.75 -3.91
CA GLU A 64 -6.55 14.30 -3.52
C GLU A 64 -6.43 13.07 -2.63
N PHE A 65 -6.69 13.24 -1.36
CA PHE A 65 -6.67 12.13 -0.41
C PHE A 65 -8.02 11.41 -0.38
N PRO A 66 -8.04 10.13 -0.05
CA PRO A 66 -9.32 9.46 0.19
C PRO A 66 -10.07 10.14 1.33
N ASN A 67 -11.40 10.11 1.25
CA ASN A 67 -12.16 10.75 2.33
C ASN A 67 -12.14 9.89 3.59
N ASP A 68 -11.96 8.58 3.44
CA ASP A 68 -11.95 7.64 4.57
C ASP A 68 -10.78 6.69 4.42
N TYR A 69 -10.26 6.24 5.56
CA TYR A 69 -9.18 5.25 5.64
C TYR A 69 -9.73 4.03 6.38
N PRO A 70 -10.53 3.20 5.70
CA PRO A 70 -11.17 2.07 6.40
C PRO A 70 -10.17 1.01 6.82
N SER A 71 -10.40 0.42 8.01
CA SER A 71 -9.55 -0.60 8.56
C SER A 71 -10.13 -1.99 8.32
N GLY A 72 -9.27 -2.99 8.37
CA GLY A 72 -9.69 -4.39 8.30
C GLY A 72 -10.40 -4.81 7.04
N CYS A 73 -9.94 -4.33 5.88
CA CYS A 73 -10.63 -4.62 4.63
C CYS A 73 -9.63 -4.63 3.49
N LEU A 74 -10.03 -5.28 2.39
CA LEU A 74 -9.18 -5.39 1.19
C LEU A 74 -9.40 -4.15 0.34
N LEU A 75 -8.33 -3.42 0.04
CA LEU A 75 -8.43 -2.07 -0.52
C LEU A 75 -8.22 -1.99 -2.01
N GLY A 76 -7.46 -2.90 -2.59
CA GLY A 76 -7.01 -2.76 -3.96
C GLY A 76 -5.68 -3.48 -4.13
N CYS A 77 -4.91 -3.08 -5.12
CA CYS A 77 -3.67 -3.78 -5.39
C CYS A 77 -2.66 -2.84 -6.03
N VAL A 78 -1.42 -3.31 -6.09
CA VAL A 78 -0.33 -2.67 -6.82
C VAL A 78 0.38 -3.76 -7.59
N ASP A 79 1.27 -3.34 -8.49
CA ASP A 79 2.26 -4.21 -9.09
C ASP A 79 3.57 -4.03 -8.34
N LEU A 80 4.04 -5.10 -7.71
CA LEU A 80 5.32 -5.07 -7.02
C LEU A 80 6.41 -5.30 -8.06
N ILE A 81 7.08 -4.23 -8.47
CA ILE A 81 8.06 -4.29 -9.56
C ILE A 81 9.45 -4.70 -9.08
N ASP A 82 9.79 -4.36 -7.85
CA ASP A 82 11.07 -4.76 -7.29
C ASP A 82 10.97 -4.73 -5.78
N CYS A 83 11.82 -5.51 -5.15
CA CYS A 83 12.04 -5.46 -3.70
C CYS A 83 13.52 -5.14 -3.57
N LEU A 84 13.82 -3.86 -3.34
CA LEU A 84 15.19 -3.36 -3.29
C LEU A 84 15.69 -3.34 -1.85
N SER A 85 17.00 -3.59 -1.71
CA SER A 85 17.64 -3.24 -0.45
C SER A 85 17.70 -1.73 -0.31
N GLN A 86 17.92 -1.28 0.92
CA GLN A 86 18.01 0.15 1.17
C GLN A 86 19.13 0.80 0.36
N LYS A 87 20.21 0.05 0.10
CA LYS A 87 21.30 0.59 -0.71
C LYS A 87 20.87 0.77 -2.17
N GLN A 88 20.25 -0.26 -2.75
CA GLN A 88 19.73 -0.15 -4.11
C GLN A 88 18.66 0.93 -4.21
N PHE A 89 17.84 1.09 -3.16
CA PHE A 89 16.79 2.09 -3.21
C PHE A 89 17.39 3.50 -3.31
N LYS A 90 18.40 3.77 -2.50
CA LYS A 90 19.06 5.07 -2.58
C LYS A 90 19.70 5.29 -3.95
N GLU A 91 20.23 4.22 -4.54
CA GLU A 91 20.88 4.33 -5.85
C GLU A 91 19.86 4.59 -6.95
N GLN A 92 18.72 3.89 -6.92
CA GLN A 92 17.84 3.89 -8.07
C GLN A 92 16.75 4.95 -8.01
N PHE A 93 16.34 5.38 -6.82
CA PHE A 93 15.25 6.35 -6.67
C PHE A 93 15.69 7.51 -5.78
N PRO A 94 16.71 8.27 -6.21
CA PRO A 94 17.25 9.31 -5.32
C PRO A 94 16.23 10.35 -4.92
N ASP A 95 15.22 10.60 -5.76
CA ASP A 95 14.23 11.64 -5.48
C ASP A 95 13.23 11.22 -4.41
N ILE A 96 13.02 9.93 -4.20
CA ILE A 96 12.10 9.47 -3.17
C ILE A 96 12.77 8.59 -2.13
N SER A 97 14.10 8.41 -2.20
CA SER A 97 14.75 7.48 -1.27
C SER A 97 14.54 7.88 0.18
N GLN A 98 14.35 9.18 0.45
CA GLN A 98 14.06 9.60 1.82
C GLN A 98 12.73 9.09 2.34
N GLU A 99 11.87 8.55 1.47
CA GLU A 99 10.52 8.17 1.86
C GLU A 99 10.45 6.77 2.48
N SER A 100 11.57 6.04 2.55
CA SER A 100 11.63 4.81 3.35
C SER A 100 13.07 4.52 3.76
N ASP A 101 13.26 4.29 5.06
CA ASP A 101 14.55 3.89 5.64
C ASP A 101 14.64 2.39 5.90
N SER A 102 13.66 1.62 5.46
CA SER A 102 13.58 0.20 5.83
C SER A 102 14.69 -0.62 5.18
N PRO A 103 15.03 -1.77 5.77
CA PRO A 103 16.02 -2.66 5.14
C PRO A 103 15.68 -3.10 3.73
N PHE A 104 14.42 -3.37 3.44
CA PHE A 104 13.96 -3.68 2.09
C PHE A 104 12.81 -2.75 1.73
N VAL A 105 12.74 -2.36 0.46
CA VAL A 105 11.80 -1.35 0.00
C VAL A 105 11.04 -1.90 -1.20
N PHE A 106 9.73 -2.00 -1.07
CA PHE A 106 8.88 -2.57 -2.11
C PHE A 106 8.51 -1.44 -3.08
N ILE A 107 8.87 -1.61 -4.34
CA ILE A 107 8.59 -0.60 -5.37
C ILE A 107 7.25 -0.93 -6.03
N CYS A 108 6.28 -0.04 -5.88
CA CYS A 108 4.91 -0.28 -6.30
C CYS A 108 4.54 0.58 -7.51
N LYS A 109 3.95 -0.05 -8.52
CA LYS A 109 3.45 0.65 -9.70
C LYS A 109 2.03 0.23 -9.99
N ASN A 110 1.35 1.00 -10.85
CA ASN A 110 -0.01 0.69 -11.31
C ASN A 110 -0.98 0.46 -10.16
N PRO A 111 -1.13 1.40 -9.21
CA PRO A 111 -2.07 1.15 -8.11
C PRO A 111 -3.51 1.16 -8.60
N GLN A 112 -4.33 0.31 -7.99
CA GLN A 112 -5.75 0.22 -8.30
C GLN A 112 -6.51 0.11 -7.00
N GLU A 113 -7.55 0.93 -6.84
CA GLU A 113 -8.34 0.97 -5.61
C GLU A 113 -9.73 0.39 -5.88
N MET A 114 -10.17 -0.52 -5.00
CA MET A 114 -11.51 -1.11 -5.11
C MET A 114 -12.57 -0.13 -4.63
N VAL A 115 -13.65 -0.03 -5.39
CA VAL A 115 -14.75 0.85 -4.98
C VAL A 115 -15.49 0.27 -3.79
N VAL A 116 -15.71 -1.05 -3.79
CA VAL A 116 -16.30 -1.76 -2.65
C VAL A 116 -15.20 -2.56 -1.97
N LYS A 117 -14.96 -2.28 -0.69
CA LYS A 117 -13.85 -2.84 0.07
C LYS A 117 -14.39 -3.91 1.01
N PHE A 118 -13.90 -5.15 0.83
CA PHE A 118 -14.48 -6.30 1.55
C PHE A 118 -13.74 -6.55 2.86
N PRO A 119 -14.47 -6.85 3.95
CA PRO A 119 -13.81 -7.16 5.23
C PRO A 119 -12.87 -8.36 5.09
N ILE A 120 -11.74 -8.29 5.78
CA ILE A 120 -10.75 -9.36 5.70
C ILE A 120 -9.93 -9.36 6.99
N LYS A 121 -9.44 -10.53 7.37
CA LYS A 121 -8.49 -10.66 8.47
C LYS A 121 -7.12 -11.04 7.90
N GLY A 122 -6.10 -10.27 8.26
CA GLY A 122 -4.80 -10.38 7.62
C GLY A 122 -3.85 -11.32 8.35
N ASN A 123 -2.64 -11.41 7.80
CA ASN A 123 -1.58 -12.27 8.31
C ASN A 123 -0.28 -11.50 8.17
N PRO A 124 0.80 -11.96 8.80
CA PRO A 124 2.12 -11.36 8.56
C PRO A 124 2.61 -11.58 7.14
N LYS A 125 3.50 -10.69 6.72
CA LYS A 125 4.28 -10.82 5.48
C LYS A 125 3.33 -10.96 4.29
N ILE A 126 3.69 -11.74 3.28
CA ILE A 126 2.88 -11.91 2.06
C ILE A 126 2.04 -13.15 2.26
N TRP A 127 0.72 -13.02 2.17
CA TRP A 127 -0.11 -14.17 2.47
C TRP A 127 -1.13 -14.39 1.37
N LYS A 128 -1.66 -15.61 1.31
CA LYS A 128 -2.51 -16.03 0.19
C LYS A 128 -3.95 -15.62 0.42
N LEU A 129 -4.52 -14.95 -0.56
CA LEU A 129 -5.94 -14.56 -0.51
C LEU A 129 -6.85 -15.77 -0.66
N ASP A 130 -7.93 -15.79 0.11
CA ASP A 130 -9.00 -16.75 -0.12
C ASP A 130 -9.59 -16.54 -1.51
N SER A 131 -10.02 -17.63 -2.15
CA SER A 131 -10.48 -17.55 -3.53
C SER A 131 -11.74 -16.73 -3.68
N LYS A 132 -12.69 -16.88 -2.73
CA LYS A 132 -13.96 -16.19 -2.87
C LYS A 132 -13.79 -14.68 -2.77
N ILE A 133 -12.95 -14.20 -1.85
CA ILE A 133 -12.76 -12.75 -1.76
C ILE A 133 -11.93 -12.25 -2.94
N HIS A 134 -10.97 -13.05 -3.42
CA HIS A 134 -10.18 -12.64 -4.58
C HIS A 134 -11.03 -12.58 -5.84
N GLN A 135 -11.98 -13.51 -5.99
CA GLN A 135 -12.87 -13.48 -7.13
C GLN A 135 -13.70 -12.19 -7.13
N GLY A 136 -14.26 -11.83 -5.98
CA GLY A 136 -15.05 -10.61 -5.90
C GLY A 136 -14.24 -9.36 -6.16
N ALA A 137 -13.00 -9.33 -5.65
CA ALA A 137 -12.15 -8.15 -5.84
C ALA A 137 -11.79 -7.98 -7.31
N LYS A 138 -11.51 -9.08 -8.00
CA LYS A 138 -11.22 -9.00 -9.43
C LYS A 138 -12.42 -8.46 -10.20
N LYS A 139 -13.63 -8.90 -9.87
CA LYS A 139 -14.82 -8.39 -10.54
C LYS A 139 -15.13 -6.94 -10.14
N GLY A 140 -14.67 -6.50 -8.97
CA GLY A 140 -14.89 -5.12 -8.58
C GLY A 140 -14.01 -4.15 -9.36
N LEU A 141 -12.78 -4.57 -9.65
CA LEU A 141 -11.89 -3.75 -10.48
C LEU A 141 -12.47 -3.53 -11.88
N MET A 142 -12.99 -4.59 -12.50
CA MET A 142 -13.53 -4.49 -13.86
C MET A 142 -14.97 -3.95 -13.82
N LYS A 143 -15.09 -2.72 -13.33
CA LYS A 143 -16.35 -1.98 -13.34
C LYS A 143 -16.08 -0.49 -13.47
#